data_6YCL
#
_entry.id   6YCL
#
_cell.length_a   104.021
_cell.length_b   104.021
_cell.length_c   116.870
_cell.angle_alpha   90.000
_cell.angle_beta   90.000
_cell.angle_gamma   90.000
#
_symmetry.space_group_name_H-M   'P 43 21 2'
#
loop_
_entity.id
_entity.type
_entity.pdbx_description
1 polymer 'Aromatic O-demethylase, cytochrome P450 subunit'
2 non-polymer 4-hydroxy-3-methoxybenzaldehyde
3 non-polymer 'PROTOPORPHYRIN IX CONTAINING FE'
4 water water
#
_entity_poly.entity_id   1
_entity_poly.type   'polypeptide(L)'
_entity_poly.pdbx_seq_one_letter_code
;GPMTTTERPDLAWLDEVTMTQLERNPYEVYERLRAEAPLAFVPVLGSYVASTAEVCREVATSPDFEAVITPAGGRTFGHP
AIIGVNGDIHADLRSMVEPALQPAEVDRWIDDLVRPIARRYLERFENDGHAELVAQYCEPVSVRSLGDLLGLQEVDSDKL
REWFAKLNRSFTNAAVDENGEFANPEGFAEGDQAKAEIRAVVDPLIDKWIEHPDDSAISHWLHDGMPPGQTRDREYIYPT
IYVYLLGAMQEPGHGMASTLVGLFSRPEQLEEVVDDPTLIPRAIAEGLRWTSPIWSAGARISTKPVTIAGVDLPAGTPVM
LSYGSANHDTGKYEAPSQYDLHRPPLPHLAFGAGNHACAGIYFANHVMRIALEELFEAIPNLERDTREGVEFWGWGFRGP
TSLHVTWEV
;
_entity_poly.pdbx_strand_id   A
#
loop_
_chem_comp.id
_chem_comp.type
_chem_comp.name
_chem_comp.formula
HEM non-polymer 'PROTOPORPHYRIN IX CONTAINING FE' 'C34 H32 Fe N4 O4'
V55 non-polymer 4-hydroxy-3-methoxybenzaldehyde 'C8 H8 O3'
#
# COMPACT_ATOMS: atom_id res chain seq x y z
N GLU A 7 -5.83 -29.18 -4.72
CA GLU A 7 -5.55 -30.37 -5.52
C GLU A 7 -4.28 -31.08 -5.00
N ARG A 8 -3.42 -30.35 -4.30
CA ARG A 8 -2.16 -30.91 -3.83
C ARG A 8 -2.39 -31.65 -2.51
N PRO A 9 -2.18 -32.95 -2.45
CA PRO A 9 -2.71 -33.70 -1.29
C PRO A 9 -2.19 -33.25 0.06
N ASP A 10 -0.87 -33.08 0.19
CA ASP A 10 -0.30 -32.78 1.51
C ASP A 10 -0.70 -31.40 1.99
N LEU A 11 -1.24 -30.54 1.12
CA LEU A 11 -1.72 -29.23 1.53
C LEU A 11 -3.22 -29.16 1.66
N ALA A 12 -3.88 -30.31 1.84
CA ALA A 12 -5.33 -30.33 2.01
C ALA A 12 -5.81 -29.41 3.12
N TRP A 13 -4.93 -29.05 4.07
CA TRP A 13 -5.33 -28.18 5.18
C TRP A 13 -5.67 -26.78 4.67
N LEU A 14 -5.10 -26.39 3.52
CA LEU A 14 -5.40 -25.09 2.93
C LEU A 14 -6.87 -24.96 2.53
N ASP A 15 -7.55 -26.09 2.29
CA ASP A 15 -8.98 -26.05 1.99
C ASP A 15 -9.79 -25.46 3.13
N GLU A 16 -9.26 -25.46 4.35
CA GLU A 16 -9.99 -25.00 5.52
C GLU A 16 -9.58 -23.59 5.95
N VAL A 17 -8.67 -22.94 5.22
CA VAL A 17 -8.29 -21.56 5.51
C VAL A 17 -9.39 -20.64 5.00
N THR A 18 -9.78 -19.70 5.84
CA THR A 18 -10.87 -18.78 5.51
C THR A 18 -10.36 -17.38 5.19
N MET A 19 -11.19 -16.61 4.51
CA MET A 19 -10.82 -15.23 4.18
C MET A 19 -10.70 -14.38 5.45
N THR A 20 -11.62 -14.60 6.41
CA THR A 20 -11.58 -13.85 7.65
C THR A 20 -10.29 -14.10 8.41
N GLN A 21 -9.82 -15.36 8.41
CA GLN A 21 -8.58 -15.67 9.09
C GLN A 21 -7.42 -14.91 8.47
N LEU A 22 -7.34 -14.90 7.14
CA LEU A 22 -6.27 -14.19 6.45
C LEU A 22 -6.31 -12.69 6.70
N GLU A 23 -7.53 -12.10 6.75
CA GLU A 23 -7.65 -10.68 7.06
C GLU A 23 -7.24 -10.35 8.48
N ARG A 24 -7.64 -11.17 9.46
CA ARG A 24 -7.32 -10.84 10.85
C ARG A 24 -5.86 -11.11 11.17
N ASN A 25 -5.35 -12.24 10.72
CA ASN A 25 -3.96 -12.57 10.95
C ASN A 25 -3.43 -13.60 9.96
N PRO A 26 -2.81 -13.19 8.86
CA PRO A 26 -2.35 -14.16 7.88
C PRO A 26 -1.01 -14.78 8.23
N TYR A 27 -0.34 -14.29 9.28
N TYR A 27 -0.35 -14.32 9.28
CA TYR A 27 1.03 -14.71 9.58
CA TYR A 27 1.05 -14.70 9.51
C TYR A 27 1.13 -16.22 9.77
C TYR A 27 1.21 -16.17 9.90
N GLU A 28 0.19 -16.81 10.50
CA GLU A 28 0.36 -18.20 10.89
C GLU A 28 0.23 -19.11 9.67
N VAL A 29 -0.75 -18.80 8.81
CA VAL A 29 -0.89 -19.61 7.59
C VAL A 29 0.34 -19.42 6.71
N TYR A 30 0.81 -18.18 6.59
CA TYR A 30 1.91 -17.92 5.67
C TYR A 30 3.22 -18.45 6.22
N GLU A 31 3.37 -18.56 7.54
CA GLU A 31 4.54 -19.24 8.09
C GLU A 31 4.59 -20.69 7.64
N ARG A 32 3.44 -21.36 7.66
CA ARG A 32 3.38 -22.71 7.13
C ARG A 32 3.66 -22.73 5.62
N LEU A 33 3.08 -21.80 4.84
CA LEU A 33 3.34 -21.80 3.41
C LEU A 33 4.83 -21.67 3.11
N ARG A 34 5.52 -20.77 3.80
CA ARG A 34 6.92 -20.55 3.51
C ARG A 34 7.72 -21.80 3.77
N ALA A 35 7.25 -22.67 4.67
CA ALA A 35 7.96 -23.91 4.95
C ALA A 35 7.51 -25.07 4.06
N GLU A 36 6.23 -25.16 3.78
CA GLU A 36 5.67 -26.31 3.06
C GLU A 36 5.63 -26.10 1.55
N ALA A 37 5.29 -24.87 1.09
CA ALA A 37 5.00 -24.67 -0.31
C ALA A 37 5.14 -23.18 -0.61
N PRO A 38 6.36 -22.72 -0.86
CA PRO A 38 6.59 -21.29 -1.16
C PRO A 38 5.75 -20.78 -2.33
N LEU A 39 5.32 -21.66 -3.23
CA LEU A 39 4.32 -21.35 -4.24
C LEU A 39 3.18 -22.35 -4.07
N ALA A 40 2.00 -21.87 -3.66
CA ALA A 40 0.89 -22.75 -3.32
C ALA A 40 -0.43 -22.18 -3.81
N PHE A 41 -1.31 -23.06 -4.25
CA PHE A 41 -2.68 -22.67 -4.55
C PHE A 41 -3.52 -22.59 -3.27
N VAL A 42 -4.08 -21.43 -3.01
CA VAL A 42 -4.88 -21.20 -1.81
C VAL A 42 -6.35 -21.18 -2.24
N PRO A 43 -7.13 -22.21 -1.89
CA PRO A 43 -8.49 -22.32 -2.47
C PRO A 43 -9.36 -21.10 -2.25
N VAL A 44 -9.37 -20.49 -1.06
CA VAL A 44 -10.31 -19.39 -0.85
C VAL A 44 -9.93 -18.16 -1.66
N LEU A 45 -8.66 -18.02 -2.02
CA LEU A 45 -8.21 -16.93 -2.91
C LEU A 45 -8.32 -17.27 -4.39
N GLY A 46 -8.52 -18.54 -4.70
CA GLY A 46 -8.61 -19.02 -6.07
C GLY A 46 -7.38 -18.79 -6.90
N SER A 47 -6.20 -18.77 -6.27
CA SER A 47 -4.97 -18.41 -6.97
C SER A 47 -3.77 -19.07 -6.30
N TYR A 48 -2.71 -19.30 -7.09
CA TYR A 48 -1.39 -19.50 -6.54
C TYR A 48 -0.96 -18.25 -5.79
N VAL A 49 -0.22 -18.47 -4.72
CA VAL A 49 0.33 -17.43 -3.86
C VAL A 49 1.82 -17.71 -3.69
N ALA A 50 2.64 -16.67 -3.83
CA ALA A 50 4.07 -16.70 -3.56
C ALA A 50 4.33 -16.11 -2.17
N SER A 51 4.93 -16.91 -1.27
CA SER A 51 5.05 -16.49 0.12
C SER A 51 6.46 -16.17 0.57
N THR A 52 7.49 -16.61 -0.16
CA THR A 52 8.86 -16.38 0.25
C THR A 52 9.49 -15.25 -0.56
N ALA A 53 10.56 -14.69 -0.01
CA ALA A 53 11.29 -13.64 -0.72
C ALA A 53 11.86 -14.12 -2.05
N GLU A 54 12.44 -15.32 -2.09
CA GLU A 54 12.99 -15.84 -3.33
C GLU A 54 11.92 -15.97 -4.42
N VAL A 55 10.74 -16.51 -4.07
CA VAL A 55 9.70 -16.73 -5.09
C VAL A 55 9.04 -15.42 -5.49
N CYS A 56 8.75 -14.54 -4.53
CA CYS A 56 8.19 -13.24 -4.87
C CYS A 56 9.12 -12.48 -5.80
N ARG A 57 10.41 -12.46 -5.45
CA ARG A 57 11.37 -11.71 -6.26
C ARG A 57 11.49 -12.29 -7.66
N GLU A 58 11.51 -13.63 -7.75
CA GLU A 58 11.61 -14.27 -9.05
C GLU A 58 10.40 -13.98 -9.91
N VAL A 59 9.19 -14.11 -9.35
CA VAL A 59 7.98 -13.86 -10.15
C VAL A 59 7.90 -12.40 -10.56
N ALA A 60 8.26 -11.49 -9.65
CA ALA A 60 8.12 -10.08 -9.95
C ALA A 60 9.13 -9.60 -10.99
N THR A 61 10.25 -10.31 -11.15
CA THR A 61 11.28 -9.90 -12.09
C THR A 61 11.45 -10.83 -13.28
N SER A 62 10.68 -11.89 -13.38
CA SER A 62 10.90 -12.89 -14.39
C SER A 62 10.45 -12.38 -15.76
N PRO A 63 11.20 -12.66 -16.82
CA PRO A 63 10.71 -12.31 -18.16
C PRO A 63 9.58 -13.20 -18.62
N ASP A 64 9.26 -14.26 -17.88
CA ASP A 64 8.19 -15.18 -18.25
C ASP A 64 6.89 -14.85 -17.53
N PHE A 65 6.87 -13.75 -16.77
CA PHE A 65 5.67 -13.23 -16.14
C PHE A 65 5.42 -11.80 -16.61
N GLU A 66 4.16 -11.39 -16.54
CA GLU A 66 3.83 -10.00 -16.83
C GLU A 66 2.79 -9.54 -15.82
N ALA A 67 2.46 -8.25 -15.88
CA ALA A 67 1.52 -7.71 -14.89
C ALA A 67 0.10 -8.17 -15.15
N VAL A 68 -0.65 -8.31 -14.05
CA VAL A 68 -2.09 -8.56 -14.10
C VAL A 68 -2.65 -8.01 -12.80
N ILE A 69 -3.92 -7.73 -12.78
CA ILE A 69 -4.57 -7.40 -11.51
C ILE A 69 -5.26 -8.66 -10.97
N THR A 70 -5.36 -8.75 -9.65
CA THR A 70 -6.16 -9.82 -9.07
C THR A 70 -7.61 -9.70 -9.56
N PRO A 71 -8.39 -10.78 -9.49
CA PRO A 71 -9.80 -10.69 -9.95
C PRO A 71 -10.60 -9.58 -9.27
N ALA A 72 -10.55 -9.49 -7.94
CA ALA A 72 -11.30 -8.45 -7.24
C ALA A 72 -10.72 -7.07 -7.50
N GLY A 73 -9.40 -6.99 -7.73
CA GLY A 73 -8.78 -5.73 -8.07
C GLY A 73 -9.21 -5.24 -9.43
N GLY A 74 -9.29 -6.15 -10.39
CA GLY A 74 -9.75 -5.77 -11.71
C GLY A 74 -11.23 -5.40 -11.72
N ARG A 75 -12.05 -6.13 -10.94
CA ARG A 75 -13.45 -5.76 -10.80
C ARG A 75 -13.58 -4.34 -10.26
N THR A 76 -12.64 -3.93 -9.39
CA THR A 76 -12.70 -2.64 -8.74
C THR A 76 -12.17 -1.53 -9.64
N PHE A 77 -11.03 -1.74 -10.31
CA PHE A 77 -10.37 -0.67 -11.07
C PHE A 77 -10.64 -0.67 -12.58
N GLY A 78 -10.94 -1.81 -13.19
CA GLY A 78 -11.03 -1.89 -14.65
C GLY A 78 -9.69 -1.70 -15.36
N HIS A 79 -9.77 -1.21 -16.58
CA HIS A 79 -8.62 -1.07 -17.49
C HIS A 79 -8.51 0.39 -17.92
N PRO A 80 -7.28 0.93 -18.08
CA PRO A 80 -5.97 0.32 -17.86
C PRO A 80 -5.34 0.81 -16.55
N ALA A 81 -5.46 0.02 -15.49
CA ALA A 81 -4.83 0.39 -14.24
C ALA A 81 -3.34 0.16 -14.36
N ILE A 82 -2.53 1.12 -13.94
CA ILE A 82 -1.08 1.02 -14.18
C ILE A 82 -0.52 -0.28 -13.61
N ILE A 83 -1.10 -0.79 -12.52
CA ILE A 83 -0.58 -2.00 -11.89
C ILE A 83 -0.82 -3.29 -12.68
N GLY A 84 -1.66 -3.24 -13.71
CA GLY A 84 -2.17 -4.43 -14.33
C GLY A 84 -1.98 -4.50 -15.83
N VAL A 85 -1.19 -3.59 -16.40
CA VAL A 85 -0.98 -3.53 -17.84
C VAL A 85 0.51 -3.64 -18.15
N ASN A 86 0.80 -3.78 -19.44
CA ASN A 86 2.14 -4.07 -19.91
C ASN A 86 2.42 -3.31 -21.21
N GLY A 87 3.62 -3.53 -21.73
CA GLY A 87 3.88 -3.03 -23.07
C GLY A 87 3.78 -1.52 -23.21
N ASP A 88 3.25 -1.09 -24.35
CA ASP A 88 3.22 0.33 -24.64
C ASP A 88 2.31 1.10 -23.68
N ILE A 89 1.21 0.49 -23.24
CA ILE A 89 0.31 1.20 -22.33
C ILE A 89 1.00 1.44 -20.99
N HIS A 90 1.66 0.43 -20.47
CA HIS A 90 2.37 0.62 -19.21
C HIS A 90 3.47 1.66 -19.35
N ALA A 91 4.21 1.64 -20.48
CA ALA A 91 5.27 2.62 -20.65
C ALA A 91 4.71 4.03 -20.65
N ASP A 92 3.56 4.22 -21.29
CA ASP A 92 2.94 5.54 -21.30
C ASP A 92 2.48 5.97 -19.91
N LEU A 93 1.80 5.05 -19.18
CA LEU A 93 1.33 5.41 -17.84
C LEU A 93 2.50 5.64 -16.88
N ARG A 94 3.60 4.90 -17.02
CA ARG A 94 4.77 5.20 -16.20
C ARG A 94 5.32 6.58 -16.52
N SER A 95 5.41 6.93 -17.81
CA SER A 95 5.92 8.24 -18.18
C SER A 95 5.00 9.33 -17.69
N MET A 96 3.70 9.04 -17.61
CA MET A 96 2.70 9.99 -17.10
C MET A 96 2.90 10.30 -15.62
N VAL A 97 3.10 9.26 -14.78
CA VAL A 97 3.15 9.49 -13.33
C VAL A 97 4.54 9.88 -12.84
N GLU A 98 5.59 9.58 -13.60
CA GLU A 98 6.92 9.72 -13.03
C GLU A 98 7.45 11.13 -12.80
N PRO A 99 7.05 12.13 -13.58
CA PRO A 99 7.67 13.47 -13.40
C PRO A 99 7.61 14.03 -11.98
N ALA A 100 6.43 14.06 -11.36
CA ALA A 100 6.34 14.64 -10.03
C ALA A 100 6.99 13.76 -8.97
N LEU A 101 7.33 12.52 -9.31
CA LEU A 101 7.89 11.60 -8.34
C LEU A 101 9.40 11.51 -8.45
N GLN A 102 10.01 12.23 -9.38
CA GLN A 102 11.46 12.17 -9.56
C GLN A 102 12.14 12.71 -8.31
N PRO A 103 13.20 12.07 -7.81
CA PRO A 103 13.80 12.55 -6.56
C PRO A 103 14.18 14.03 -6.58
N ALA A 104 14.82 14.50 -7.66
CA ALA A 104 15.25 15.89 -7.69
C ALA A 104 14.07 16.84 -7.67
N GLU A 105 12.94 16.42 -8.23
CA GLU A 105 11.72 17.23 -8.16
C GLU A 105 11.11 17.21 -6.76
N VAL A 106 10.96 16.02 -6.16
CA VAL A 106 10.44 15.91 -4.80
C VAL A 106 11.25 16.77 -3.83
N ASP A 107 12.57 16.76 -3.95
CA ASP A 107 13.39 17.55 -3.02
C ASP A 107 13.11 19.04 -3.10
N ARG A 108 12.58 19.51 -4.22
CA ARG A 108 12.32 20.94 -4.38
C ARG A 108 11.19 21.43 -3.47
N TRP A 109 10.21 20.57 -3.15
CA TRP A 109 8.99 21.07 -2.51
C TRP A 109 8.42 20.16 -1.42
N ILE A 110 9.03 19.02 -1.13
CA ILE A 110 8.38 18.08 -0.24
C ILE A 110 8.27 18.65 1.18
N ASP A 111 9.30 19.37 1.61
CA ASP A 111 9.29 19.91 2.97
C ASP A 111 8.18 20.96 3.15
N ASP A 112 8.08 21.90 2.21
CA ASP A 112 7.04 22.91 2.28
C ASP A 112 5.65 22.32 2.09
N LEU A 113 5.55 21.12 1.53
CA LEU A 113 4.26 20.46 1.38
C LEU A 113 3.83 19.77 2.68
N VAL A 114 4.67 18.88 3.21
CA VAL A 114 4.23 17.98 4.27
C VAL A 114 4.33 18.65 5.64
N ARG A 115 5.40 19.43 5.88
CA ARG A 115 5.60 19.94 7.24
C ARG A 115 4.46 20.84 7.70
N PRO A 116 3.97 21.80 6.89
CA PRO A 116 2.80 22.59 7.34
C PRO A 116 1.52 21.76 7.51
N ILE A 117 1.38 20.67 6.73
CA ILE A 117 0.23 19.80 6.88
C ILE A 117 0.31 19.03 8.21
N ALA A 118 1.49 18.46 8.49
CA ALA A 118 1.67 17.76 9.75
C ALA A 118 1.42 18.70 10.94
N ARG A 119 1.92 19.92 10.86
CA ARG A 119 1.72 20.88 11.96
C ARG A 119 0.25 21.21 12.13
N ARG A 120 -0.47 21.40 11.02
CA ARG A 120 -1.89 21.73 11.11
C ARG A 120 -2.67 20.65 11.85
N TYR A 121 -2.43 19.37 11.52
CA TYR A 121 -3.15 18.30 12.20
C TYR A 121 -2.67 18.12 13.63
N LEU A 122 -1.37 18.28 13.89
CA LEU A 122 -0.86 18.15 15.26
C LEU A 122 -1.46 19.22 16.16
N GLU A 123 -1.59 20.45 15.67
CA GLU A 123 -2.11 21.54 16.47
C GLU A 123 -3.51 21.29 16.98
N ARG A 124 -4.23 20.32 16.39
CA ARG A 124 -5.59 20.03 16.83
C ARG A 124 -5.64 19.15 18.08
N PHE A 125 -4.55 18.49 18.46
CA PHE A 125 -4.60 17.56 19.59
C PHE A 125 -3.32 17.52 20.42
N GLU A 126 -2.26 18.27 20.07
CA GLU A 126 -0.98 18.07 20.72
C GLU A 126 -0.98 18.46 22.20
N ASN A 127 -2.01 19.16 22.67
CA ASN A 127 -2.11 19.52 24.07
C ASN A 127 -3.21 18.77 24.79
N ASP A 128 -3.76 17.72 24.19
CA ASP A 128 -4.87 16.99 24.80
C ASP A 128 -4.39 15.94 25.81
N GLY A 129 -3.19 15.40 25.64
CA GLY A 129 -2.75 14.28 26.45
C GLY A 129 -3.24 12.94 25.99
N HIS A 130 -4.06 12.89 24.94
CA HIS A 130 -4.57 11.65 24.40
C HIS A 130 -4.86 11.86 22.92
N ALA A 131 -4.75 10.77 22.15
CA ALA A 131 -5.06 10.84 20.72
C ALA A 131 -5.15 9.43 20.15
N GLU A 132 -5.89 9.31 19.05
CA GLU A 132 -5.97 8.08 18.25
C GLU A 132 -5.26 8.45 16.94
N LEU A 133 -4.00 8.04 16.82
CA LEU A 133 -3.15 8.64 15.81
C LEU A 133 -3.50 8.21 14.39
N VAL A 134 -4.11 7.05 14.19
CA VAL A 134 -4.46 6.64 12.83
C VAL A 134 -5.44 7.65 12.23
N ALA A 135 -6.52 7.96 12.95
CA ALA A 135 -7.53 8.84 12.38
C ALA A 135 -7.19 10.30 12.55
N GLN A 136 -6.43 10.65 13.59
CA GLN A 136 -6.16 12.06 13.84
C GLN A 136 -4.84 12.56 13.24
N TYR A 137 -3.96 11.67 12.82
CA TYR A 137 -2.67 12.14 12.31
C TYR A 137 -2.14 11.39 11.09
N CYS A 138 -1.93 10.08 11.21
CA CYS A 138 -1.26 9.34 10.15
C CYS A 138 -2.06 9.38 8.84
N GLU A 139 -3.33 8.99 8.91
CA GLU A 139 -4.14 9.03 7.69
C GLU A 139 -4.33 10.44 7.17
N PRO A 140 -4.71 11.43 7.98
CA PRO A 140 -4.88 12.79 7.43
C PRO A 140 -3.62 13.34 6.75
N VAL A 141 -2.46 13.17 7.36
CA VAL A 141 -1.24 13.70 6.76
C VAL A 141 -0.98 13.02 5.43
N SER A 142 -1.17 11.70 5.37
CA SER A 142 -0.92 10.96 4.14
C SER A 142 -1.83 11.45 3.01
N VAL A 143 -3.13 11.58 3.29
CA VAL A 143 -4.04 11.91 2.20
C VAL A 143 -3.98 13.38 1.85
N ARG A 144 -3.76 14.26 2.81
CA ARG A 144 -3.71 15.70 2.53
C ARG A 144 -2.48 16.05 1.71
N SER A 145 -1.35 15.42 2.00
CA SER A 145 -0.13 15.63 1.23
C SER A 145 -0.33 15.23 -0.22
N LEU A 146 -0.74 14.00 -0.45
CA LEU A 146 -0.92 13.52 -1.81
C LEU A 146 -2.08 14.23 -2.49
N GLY A 147 -3.16 14.48 -1.75
CA GLY A 147 -4.30 15.16 -2.35
C GLY A 147 -3.92 16.52 -2.88
N ASP A 148 -3.12 17.27 -2.12
CA ASP A 148 -2.69 18.57 -2.62
C ASP A 148 -1.79 18.44 -3.84
N LEU A 149 -0.86 17.47 -3.82
CA LEU A 149 0.01 17.24 -4.97
C LEU A 149 -0.81 16.93 -6.23
N LEU A 150 -1.86 16.15 -6.10
CA LEU A 150 -2.65 15.71 -7.23
C LEU A 150 -3.50 16.82 -7.80
N GLY A 151 -3.85 17.82 -6.99
CA GLY A 151 -4.80 18.84 -7.38
C GLY A 151 -6.14 18.73 -6.71
N LEU A 152 -6.25 17.87 -5.68
CA LEU A 152 -7.51 17.66 -4.96
C LEU A 152 -7.57 18.46 -3.65
N GLN A 153 -7.07 19.69 -3.67
CA GLN A 153 -7.02 20.50 -2.46
C GLN A 153 -8.39 20.69 -1.83
N GLU A 154 -9.45 20.72 -2.63
CA GLU A 154 -10.78 21.01 -2.12
C GLU A 154 -11.50 19.75 -1.65
N VAL A 155 -10.90 18.58 -1.79
CA VAL A 155 -11.48 17.35 -1.24
C VAL A 155 -10.97 17.17 0.18
N ASP A 156 -11.89 17.12 1.14
CA ASP A 156 -11.53 17.02 2.54
C ASP A 156 -10.84 15.70 2.83
N SER A 157 -9.94 15.72 3.82
CA SER A 157 -9.23 14.51 4.20
C SER A 157 -10.16 13.44 4.71
N ASP A 158 -11.25 13.81 5.40
CA ASP A 158 -12.25 12.81 5.77
C ASP A 158 -12.76 12.05 4.55
N LYS A 159 -13.01 12.76 3.46
CA LYS A 159 -13.54 12.14 2.25
C LYS A 159 -12.49 11.28 1.54
N LEU A 160 -11.25 11.77 1.47
CA LEU A 160 -10.18 10.95 0.88
C LEU A 160 -9.99 9.65 1.66
N ARG A 161 -10.06 9.73 3.00
CA ARG A 161 -9.93 8.55 3.83
C ARG A 161 -11.09 7.59 3.63
N GLU A 162 -12.31 8.11 3.50
CA GLU A 162 -13.46 7.25 3.23
C GLU A 162 -13.30 6.53 1.90
N TRP A 163 -12.84 7.24 0.87
CA TRP A 163 -12.64 6.64 -0.44
C TRP A 163 -11.61 5.50 -0.40
N PHE A 164 -10.45 5.71 0.26
CA PHE A 164 -9.47 4.63 0.19
C PHE A 164 -9.94 3.43 1.00
N ALA A 165 -10.75 3.67 2.04
CA ALA A 165 -11.26 2.56 2.83
C ALA A 165 -12.23 1.72 2.00
N LYS A 166 -13.15 2.38 1.28
CA LYS A 166 -14.07 1.62 0.43
C LYS A 166 -13.37 0.93 -0.71
N LEU A 167 -12.41 1.60 -1.37
CA LEU A 167 -11.69 0.95 -2.45
C LEU A 167 -10.88 -0.23 -1.92
N ASN A 168 -10.30 -0.08 -0.72
CA ASN A 168 -9.58 -1.16 -0.06
C ASN A 168 -10.46 -2.40 0.04
N ARG A 169 -11.63 -2.25 0.64
CA ARG A 169 -12.48 -3.42 0.87
C ARG A 169 -12.97 -4.05 -0.43
N SER A 170 -13.24 -3.24 -1.46
CA SER A 170 -13.65 -3.78 -2.74
C SER A 170 -12.48 -4.48 -3.44
N PHE A 171 -11.30 -3.85 -3.45
CA PHE A 171 -10.12 -4.39 -4.13
C PHE A 171 -9.73 -5.73 -3.54
N THR A 172 -9.92 -5.90 -2.23
CA THR A 172 -9.49 -7.09 -1.52
C THR A 172 -10.62 -8.07 -1.27
N ASN A 173 -11.76 -7.89 -1.96
CA ASN A 173 -12.93 -8.74 -1.81
C ASN A 173 -12.74 -10.04 -2.59
N ALA A 174 -11.68 -10.78 -2.24
CA ALA A 174 -11.11 -11.82 -3.08
C ALA A 174 -11.67 -13.22 -2.84
N ALA A 175 -12.47 -13.43 -1.80
CA ALA A 175 -12.89 -14.79 -1.49
C ALA A 175 -13.68 -15.38 -2.65
N VAL A 176 -13.39 -16.64 -2.96
CA VAL A 176 -14.13 -17.36 -3.98
C VAL A 176 -14.66 -18.65 -3.38
N ASP A 177 -15.69 -19.17 -4.03
CA ASP A 177 -16.39 -20.35 -3.54
C ASP A 177 -15.88 -21.58 -4.28
N GLU A 178 -16.63 -22.70 -4.18
CA GLU A 178 -16.20 -23.98 -4.75
C GLU A 178 -15.86 -23.85 -6.22
N ASN A 179 -16.70 -23.13 -6.98
CA ASN A 179 -16.57 -23.04 -8.41
C ASN A 179 -15.71 -21.88 -8.86
N GLY A 180 -14.96 -21.26 -7.95
CA GLY A 180 -14.13 -20.14 -8.32
C GLY A 180 -14.86 -18.83 -8.53
N GLU A 181 -16.14 -18.75 -8.15
CA GLU A 181 -16.89 -17.50 -8.27
C GLU A 181 -16.75 -16.70 -6.98
N PHE A 182 -16.82 -15.37 -7.12
CA PHE A 182 -16.73 -14.53 -5.93
C PHE A 182 -17.80 -14.95 -4.92
N ALA A 183 -17.36 -15.14 -3.68
CA ALA A 183 -18.28 -15.56 -2.63
C ALA A 183 -19.08 -14.41 -2.05
N ASN A 184 -18.61 -13.17 -2.22
CA ASN A 184 -19.27 -12.00 -1.65
CA ASN A 184 -19.25 -12.00 -1.64
C ASN A 184 -19.46 -10.94 -2.73
N PRO A 185 -20.29 -11.24 -3.72
CA PRO A 185 -20.48 -10.27 -4.82
C PRO A 185 -21.01 -8.91 -4.37
N GLU A 186 -21.75 -8.84 -3.27
CA GLU A 186 -22.22 -7.53 -2.84
C GLU A 186 -21.10 -6.67 -2.25
N GLY A 187 -19.92 -7.24 -2.01
CA GLY A 187 -18.84 -6.46 -1.45
C GLY A 187 -18.18 -5.51 -2.43
N PHE A 188 -18.57 -5.55 -3.71
CA PHE A 188 -18.05 -4.60 -4.69
C PHE A 188 -18.89 -3.33 -4.76
N ALA A 189 -20.08 -3.34 -4.19
CA ALA A 189 -21.00 -2.21 -4.34
C ALA A 189 -20.43 -0.93 -3.75
N GLU A 190 -19.70 -1.01 -2.63
CA GLU A 190 -19.21 0.23 -2.04
C GLU A 190 -18.02 0.75 -2.81
N GLY A 191 -17.29 -0.14 -3.48
CA GLY A 191 -16.30 0.31 -4.44
C GLY A 191 -16.95 1.05 -5.59
N ASP A 192 -18.04 0.50 -6.13
CA ASP A 192 -18.74 1.20 -7.21
C ASP A 192 -19.29 2.54 -6.74
N GLN A 193 -19.79 2.59 -5.52
CA GLN A 193 -20.31 3.84 -4.98
C GLN A 193 -19.18 4.85 -4.75
N ALA A 194 -18.01 4.40 -4.31
CA ALA A 194 -16.89 5.32 -4.18
C ALA A 194 -16.46 5.88 -5.54
N LYS A 195 -16.34 5.02 -6.55
CA LYS A 195 -15.99 5.49 -7.87
C LYS A 195 -16.98 6.54 -8.38
N ALA A 196 -18.28 6.32 -8.16
CA ALA A 196 -19.28 7.29 -8.60
C ALA A 196 -19.06 8.64 -7.95
N GLU A 197 -18.75 8.65 -6.65
CA GLU A 197 -18.47 9.90 -5.95
C GLU A 197 -17.21 10.55 -6.46
N ILE A 198 -16.17 9.76 -6.71
CA ILE A 198 -14.93 10.30 -7.24
C ILE A 198 -15.19 10.98 -8.59
N ARG A 199 -15.97 10.33 -9.46
CA ARG A 199 -16.27 10.90 -10.76
C ARG A 199 -16.95 12.25 -10.62
N ALA A 200 -17.91 12.34 -9.71
CA ALA A 200 -18.67 13.58 -9.55
C ALA A 200 -17.76 14.72 -9.13
N VAL A 201 -16.76 14.43 -8.30
CA VAL A 201 -15.82 15.45 -7.84
C VAL A 201 -14.75 15.74 -8.90
N VAL A 202 -14.20 14.71 -9.54
CA VAL A 202 -13.01 14.89 -10.37
C VAL A 202 -13.34 15.27 -11.81
N ASP A 203 -14.51 14.86 -12.32
CA ASP A 203 -14.82 15.22 -13.70
C ASP A 203 -14.79 16.74 -13.92
N PRO A 204 -15.35 17.57 -13.03
CA PRO A 204 -15.25 19.03 -13.26
C PRO A 204 -13.83 19.56 -13.18
N LEU A 205 -13.00 18.98 -12.31
CA LEU A 205 -11.60 19.37 -12.24
C LEU A 205 -10.89 19.05 -13.55
N ILE A 206 -11.16 17.86 -14.12
CA ILE A 206 -10.54 17.51 -15.39
C ILE A 206 -11.05 18.43 -16.49
N ASP A 207 -12.36 18.73 -16.49
CA ASP A 207 -12.88 19.70 -17.46
C ASP A 207 -12.05 21.00 -17.42
N LYS A 208 -11.81 21.50 -16.21
CA LYS A 208 -11.06 22.73 -16.00
C LYS A 208 -9.62 22.58 -16.47
N TRP A 209 -8.94 21.50 -16.03
CA TRP A 209 -7.53 21.34 -16.38
C TRP A 209 -7.31 21.18 -17.88
N ILE A 210 -8.24 20.57 -18.59
CA ILE A 210 -8.08 20.44 -20.04
C ILE A 210 -7.93 21.82 -20.68
N GLU A 211 -8.77 22.78 -20.26
CA GLU A 211 -8.73 24.12 -20.83
C GLU A 211 -7.73 25.04 -20.14
N HIS A 212 -7.45 24.83 -18.86
CA HIS A 212 -6.57 25.67 -18.06
C HIS A 212 -5.63 24.78 -17.26
N PRO A 213 -4.57 24.28 -17.89
CA PRO A 213 -3.61 23.44 -17.15
C PRO A 213 -2.96 24.23 -16.02
N ASP A 214 -2.61 23.53 -14.95
CA ASP A 214 -1.89 24.13 -13.83
C ASP A 214 -0.82 23.15 -13.36
N ASP A 215 -0.27 23.40 -12.18
CA ASP A 215 0.88 22.64 -11.70
C ASP A 215 0.47 21.38 -10.94
N SER A 216 -0.84 21.07 -10.89
CA SER A 216 -1.29 19.84 -10.24
C SER A 216 -0.86 18.60 -11.04
N ALA A 217 -0.64 17.50 -10.32
CA ALA A 217 -0.16 16.29 -10.98
C ALA A 217 -1.18 15.77 -11.99
N ILE A 218 -2.48 15.78 -11.65
CA ILE A 218 -3.45 15.24 -12.61
C ILE A 218 -3.52 16.13 -13.86
N SER A 219 -3.37 17.43 -13.71
CA SER A 219 -3.30 18.28 -14.89
C SER A 219 -2.14 17.85 -15.80
N HIS A 220 -0.99 17.57 -15.20
CA HIS A 220 0.14 17.08 -15.99
C HIS A 220 -0.10 15.69 -16.55
N TRP A 221 -0.88 14.85 -15.87
CA TRP A 221 -1.20 13.56 -16.48
C TRP A 221 -1.99 13.76 -17.77
N LEU A 222 -2.86 14.76 -17.79
CA LEU A 222 -3.66 15.01 -18.98
C LEU A 222 -2.83 15.55 -20.13
N HIS A 223 -1.81 16.38 -19.83
CA HIS A 223 -1.12 17.17 -20.85
C HIS A 223 0.27 16.70 -21.22
N ASP A 224 1.02 16.16 -20.27
CA ASP A 224 2.44 15.87 -20.50
C ASP A 224 2.63 14.91 -21.66
N GLY A 225 3.57 15.24 -22.55
CA GLY A 225 3.93 14.33 -23.60
C GLY A 225 2.92 14.18 -24.72
N MET A 226 1.89 14.99 -24.74
CA MET A 226 0.84 14.87 -25.74
C MET A 226 1.09 15.85 -26.88
N PRO A 227 0.57 15.57 -28.06
CA PRO A 227 0.65 16.56 -29.15
C PRO A 227 -0.03 17.86 -28.77
N PRO A 228 0.28 18.95 -29.45
CA PRO A 228 -0.33 20.24 -29.07
C PRO A 228 -1.85 20.20 -29.15
N GLY A 229 -2.49 20.74 -28.12
CA GLY A 229 -3.93 20.79 -28.05
C GLY A 229 -4.63 19.51 -27.67
N GLN A 230 -3.90 18.43 -27.42
CA GLN A 230 -4.50 17.16 -27.05
C GLN A 230 -4.26 16.84 -25.58
N THR A 231 -5.17 16.06 -25.01
CA THR A 231 -5.03 15.52 -23.66
C THR A 231 -5.32 14.02 -23.67
N ARG A 232 -4.74 13.30 -22.71
CA ARG A 232 -5.15 11.91 -22.49
C ARG A 232 -6.63 11.87 -22.14
N ASP A 233 -7.37 10.96 -22.74
CA ASP A 233 -8.79 10.82 -22.43
C ASP A 233 -8.98 10.46 -20.97
N ARG A 234 -9.99 11.05 -20.34
CA ARG A 234 -10.17 10.79 -18.91
C ARG A 234 -10.43 9.31 -18.64
N GLU A 235 -11.09 8.59 -19.55
CA GLU A 235 -11.33 7.18 -19.25
C GLU A 235 -10.04 6.37 -19.25
N TYR A 236 -9.03 6.86 -19.97
CA TYR A 236 -7.72 6.22 -20.01
C TYR A 236 -6.94 6.43 -18.72
N ILE A 237 -7.13 7.56 -18.04
CA ILE A 237 -6.39 7.81 -16.82
C ILE A 237 -7.15 7.49 -15.53
N TYR A 238 -8.46 7.34 -15.58
CA TYR A 238 -9.18 7.17 -14.33
C TYR A 238 -8.72 5.94 -13.55
N PRO A 239 -8.46 4.78 -14.17
CA PRO A 239 -8.03 3.61 -13.36
C PRO A 239 -6.75 3.87 -12.60
N THR A 240 -5.81 4.65 -13.16
CA THR A 240 -4.62 5.01 -12.40
C THR A 240 -4.94 6.06 -11.32
N ILE A 241 -5.92 6.94 -11.56
CA ILE A 241 -6.39 7.77 -10.45
C ILE A 241 -6.89 6.89 -9.29
N TYR A 242 -7.64 5.84 -9.60
CA TYR A 242 -8.12 4.94 -8.54
C TYR A 242 -6.94 4.23 -7.85
N VAL A 243 -5.91 3.83 -8.61
CA VAL A 243 -4.73 3.23 -7.99
C VAL A 243 -4.19 4.18 -6.92
N TYR A 244 -4.11 5.47 -7.26
CA TYR A 244 -3.63 6.45 -6.29
C TYR A 244 -4.60 6.61 -5.14
N LEU A 245 -5.90 6.69 -5.41
CA LEU A 245 -6.86 7.00 -4.36
C LEU A 245 -7.05 5.85 -3.38
N LEU A 246 -6.55 4.66 -3.70
CA LEU A 246 -6.46 3.53 -2.80
C LEU A 246 -5.06 3.53 -2.21
N GLY A 247 -4.09 2.91 -2.87
CA GLY A 247 -2.81 2.63 -2.23
C GLY A 247 -1.94 3.85 -1.96
N ALA A 248 -1.83 4.77 -2.91
CA ALA A 248 -0.96 5.92 -2.66
C ALA A 248 -1.48 6.77 -1.51
N MET A 249 -2.81 6.88 -1.35
CA MET A 249 -3.38 7.64 -0.24
C MET A 249 -3.25 6.89 1.09
N GLN A 250 -3.42 5.57 1.08
CA GLN A 250 -3.46 4.77 2.30
C GLN A 250 -2.08 4.39 2.85
N GLU A 251 -1.14 4.04 1.97
CA GLU A 251 0.00 3.28 2.47
C GLU A 251 0.98 4.12 3.29
N PRO A 252 1.23 5.40 2.97
CA PRO A 252 2.14 6.15 3.86
C PRO A 252 1.59 6.27 5.28
N GLY A 253 0.29 6.43 5.41
CA GLY A 253 -0.29 6.42 6.73
C GLY A 253 -0.17 5.08 7.42
N HIS A 254 -0.41 3.99 6.68
CA HIS A 254 -0.18 2.65 7.23
C HIS A 254 1.27 2.51 7.67
N GLY A 255 2.19 2.96 6.84
CA GLY A 255 3.60 2.74 7.15
C GLY A 255 4.07 3.47 8.39
N MET A 256 3.66 4.72 8.54
CA MET A 256 4.09 5.46 9.72
C MET A 256 3.42 4.92 10.96
N ALA A 257 2.16 4.48 10.86
CA ALA A 257 1.49 3.91 12.04
C ALA A 257 2.14 2.59 12.45
N SER A 258 2.38 1.69 11.50
CA SER A 258 3.04 0.45 11.84
C SER A 258 4.42 0.70 12.42
N THR A 259 5.16 1.68 11.88
CA THR A 259 6.47 2.03 12.45
C THR A 259 6.33 2.42 13.92
N LEU A 260 5.35 3.28 14.22
CA LEU A 260 5.10 3.70 15.60
C LEU A 260 4.75 2.50 16.49
N VAL A 261 3.87 1.61 16.01
CA VAL A 261 3.52 0.45 16.83
C VAL A 261 4.77 -0.38 17.11
N GLY A 262 5.59 -0.58 16.07
CA GLY A 262 6.82 -1.31 16.26
C GLY A 262 7.75 -0.66 17.27
N LEU A 263 7.91 0.67 17.17
CA LEU A 263 8.76 1.39 18.11
C LEU A 263 8.21 1.29 19.52
N PHE A 264 6.89 1.41 19.68
CA PHE A 264 6.31 1.26 21.02
C PHE A 264 6.58 -0.11 21.61
N SER A 265 6.68 -1.14 20.77
CA SER A 265 6.97 -2.47 21.26
C SER A 265 8.41 -2.61 21.71
N ARG A 266 9.26 -1.64 21.39
CA ARG A 266 10.67 -1.61 21.80
C ARG A 266 10.94 -0.26 22.46
N PRO A 267 10.44 -0.04 23.67
CA PRO A 267 10.49 1.33 24.24
C PRO A 267 11.89 1.92 24.26
N GLU A 268 12.92 1.09 24.42
CA GLU A 268 14.29 1.57 24.36
C GLU A 268 14.59 2.19 23.00
N GLN A 269 14.09 1.57 21.93
CA GLN A 269 14.33 2.08 20.58
C GLN A 269 13.51 3.32 20.27
N LEU A 270 12.29 3.40 20.79
CA LEU A 270 11.54 4.63 20.63
C LEU A 270 12.29 5.81 21.23
N GLU A 271 12.84 5.63 22.43
CA GLU A 271 13.61 6.70 23.05
C GLU A 271 14.79 7.11 22.17
N GLU A 272 15.53 6.14 21.66
CA GLU A 272 16.64 6.43 20.73
C GLU A 272 16.18 7.33 19.59
N VAL A 273 15.08 6.97 18.93
CA VAL A 273 14.64 7.70 17.74
C VAL A 273 14.17 9.10 18.11
N VAL A 274 13.43 9.24 19.22
CA VAL A 274 13.03 10.57 19.64
C VAL A 274 14.26 11.43 19.93
N ASP A 275 15.28 10.84 20.56
CA ASP A 275 16.48 11.60 20.90
C ASP A 275 17.28 11.94 19.65
N ASP A 276 17.33 11.01 18.68
CA ASP A 276 18.11 11.19 17.45
C ASP A 276 17.21 11.00 16.24
N PRO A 277 16.54 12.06 15.79
CA PRO A 277 15.59 11.91 14.67
C PRO A 277 16.23 11.50 13.34
N THR A 278 17.56 11.55 13.21
CA THR A 278 18.18 11.05 11.99
C THR A 278 17.99 9.55 11.84
N LEU A 279 17.54 8.86 12.91
CA LEU A 279 17.25 7.43 12.84
C LEU A 279 15.84 7.13 12.31
N ILE A 280 15.02 8.14 12.06
CA ILE A 280 13.65 7.90 11.60
C ILE A 280 13.61 7.13 10.27
N PRO A 281 14.43 7.44 9.27
CA PRO A 281 14.41 6.62 8.05
C PRO A 281 14.68 5.16 8.32
N ARG A 282 15.63 4.84 9.19
CA ARG A 282 15.92 3.45 9.51
C ARG A 282 14.71 2.81 10.21
N ALA A 283 14.06 3.55 11.08
CA ALA A 283 12.91 3.04 11.80
C ALA A 283 11.75 2.73 10.84
N ILE A 284 11.55 3.61 9.85
CA ILE A 284 10.49 3.38 8.85
C ILE A 284 10.81 2.16 8.00
N ALA A 285 12.05 2.02 7.52
CA ALA A 285 12.39 0.84 6.73
C ALA A 285 12.08 -0.45 7.47
N GLU A 286 12.44 -0.54 8.77
CA GLU A 286 12.10 -1.74 9.55
C GLU A 286 10.59 -1.87 9.73
N GLY A 287 9.92 -0.76 9.92
CA GLY A 287 8.45 -0.76 10.00
C GLY A 287 7.81 -1.35 8.76
N LEU A 288 8.28 -0.96 7.58
CA LEU A 288 7.70 -1.48 6.35
C LEU A 288 7.96 -2.98 6.21
N ARG A 289 9.16 -3.44 6.62
CA ARG A 289 9.42 -4.87 6.60
C ARG A 289 8.52 -5.59 7.60
N TRP A 290 8.40 -5.01 8.79
CA TRP A 290 7.74 -5.69 9.91
C TRP A 290 6.25 -5.87 9.69
N THR A 291 5.57 -4.84 9.19
CA THR A 291 4.20 -4.98 8.71
C THR A 291 4.07 -4.24 7.37
N SER A 292 4.20 -4.97 6.28
CA SER A 292 4.20 -4.29 4.97
C SER A 292 2.84 -3.72 4.61
N PRO A 293 2.73 -2.41 4.34
CA PRO A 293 1.41 -1.85 4.01
C PRO A 293 0.74 -2.53 2.83
N ILE A 294 1.47 -2.76 1.73
CA ILE A 294 0.96 -3.55 0.63
C ILE A 294 1.44 -4.98 0.88
N TRP A 295 0.52 -5.78 1.40
CA TRP A 295 0.88 -7.06 2.00
C TRP A 295 0.71 -8.18 1.00
N SER A 296 -0.40 -8.19 0.28
CA SER A 296 -0.60 -9.18 -0.78
C SER A 296 -1.61 -8.66 -1.81
N ALA A 297 -1.37 -7.46 -2.33
CA ALA A 297 -2.37 -6.84 -3.20
C ALA A 297 -2.13 -7.16 -4.65
N GLY A 298 -0.87 -7.42 -5.03
CA GLY A 298 -0.51 -7.51 -6.43
C GLY A 298 -0.38 -8.95 -6.89
N ALA A 299 -0.24 -9.06 -8.22
CA ALA A 299 -0.14 -10.34 -8.90
C ALA A 299 0.66 -10.18 -10.19
N ARG A 300 1.16 -11.30 -10.68
CA ARG A 300 1.68 -11.42 -12.05
C ARG A 300 1.00 -12.61 -12.70
N ILE A 301 1.12 -12.72 -14.02
CA ILE A 301 0.57 -13.86 -14.74
C ILE A 301 1.65 -14.42 -15.66
N SER A 302 1.79 -15.74 -15.69
CA SER A 302 2.80 -16.34 -16.56
C SER A 302 2.39 -16.16 -18.03
N THR A 303 3.39 -15.93 -18.90
CA THR A 303 3.19 -15.79 -20.33
C THR A 303 3.64 -17.03 -21.09
N LYS A 304 4.37 -17.93 -20.43
CA LYS A 304 4.87 -19.17 -20.99
C LYS A 304 4.75 -20.22 -19.90
N PRO A 305 4.80 -21.51 -20.26
CA PRO A 305 4.98 -22.54 -19.22
C PRO A 305 6.30 -22.31 -18.49
N VAL A 306 6.25 -22.43 -17.17
CA VAL A 306 7.38 -22.05 -16.32
C VAL A 306 7.35 -22.89 -15.06
N THR A 307 8.52 -23.18 -14.51
CA THR A 307 8.65 -23.90 -13.25
C THR A 307 9.12 -22.94 -12.18
N ILE A 308 8.34 -22.83 -11.11
CA ILE A 308 8.65 -21.96 -9.97
C ILE A 308 8.53 -22.81 -8.71
N ALA A 309 9.58 -22.84 -7.89
CA ALA A 309 9.56 -23.58 -6.63
C ALA A 309 9.06 -25.01 -6.83
N GLY A 310 9.54 -25.65 -7.89
CA GLY A 310 9.16 -27.02 -8.17
C GLY A 310 7.76 -27.22 -8.69
N VAL A 311 6.99 -26.16 -8.91
CA VAL A 311 5.65 -26.26 -9.47
C VAL A 311 5.74 -25.92 -10.96
N ASP A 312 5.23 -26.82 -11.80
CA ASP A 312 5.16 -26.56 -13.23
C ASP A 312 3.88 -25.79 -13.51
N LEU A 313 4.02 -24.51 -13.84
CA LEU A 313 2.85 -23.68 -14.13
C LEU A 313 2.62 -23.61 -15.63
N PRO A 314 1.40 -23.82 -16.13
CA PRO A 314 1.13 -23.55 -17.54
C PRO A 314 1.17 -22.05 -17.79
N ALA A 315 1.18 -21.67 -19.07
CA ALA A 315 1.00 -20.28 -19.44
C ALA A 315 -0.35 -19.80 -18.95
N GLY A 316 -0.43 -18.50 -18.64
CA GLY A 316 -1.68 -17.94 -18.18
C GLY A 316 -2.04 -18.22 -16.75
N THR A 317 -1.05 -18.46 -15.89
CA THR A 317 -1.32 -18.77 -14.50
C THR A 317 -1.06 -17.56 -13.62
N PRO A 318 -2.09 -17.00 -12.96
CA PRO A 318 -1.84 -15.91 -12.03
C PRO A 318 -1.13 -16.37 -10.77
N VAL A 319 -0.29 -15.48 -10.24
CA VAL A 319 0.42 -15.72 -8.98
C VAL A 319 0.32 -14.45 -8.15
N MET A 320 -0.30 -14.54 -6.97
CA MET A 320 -0.35 -13.40 -6.06
C MET A 320 0.97 -13.24 -5.34
N LEU A 321 1.40 -11.97 -5.19
CA LEU A 321 2.69 -11.64 -4.57
C LEU A 321 2.47 -11.19 -3.13
N SER A 322 2.67 -12.10 -2.18
CA SER A 322 2.45 -11.76 -0.78
C SER A 322 3.76 -11.23 -0.21
N TYR A 323 4.06 -9.98 -0.56
CA TYR A 323 5.29 -9.33 -0.11
C TYR A 323 5.36 -9.20 1.41
N GLY A 324 4.23 -9.05 2.09
CA GLY A 324 4.24 -8.98 3.53
C GLY A 324 4.75 -10.24 4.18
N SER A 325 4.44 -11.39 3.57
CA SER A 325 5.00 -12.66 4.04
C SER A 325 6.47 -12.75 3.68
N ALA A 326 6.81 -12.35 2.47
CA ALA A 326 8.20 -12.41 2.05
C ALA A 326 9.11 -11.67 3.01
N ASN A 327 8.60 -10.57 3.58
CA ASN A 327 9.38 -9.71 4.47
C ASN A 327 9.51 -10.30 5.87
N HIS A 328 8.92 -11.46 6.10
CA HIS A 328 9.16 -12.26 7.29
C HIS A 328 9.87 -13.57 6.98
N ASP A 329 10.54 -13.64 5.83
CA ASP A 329 11.21 -14.86 5.40
C ASP A 329 12.38 -15.14 6.34
N THR A 330 12.33 -16.27 7.06
CA THR A 330 13.39 -16.57 8.01
C THR A 330 14.68 -17.04 7.33
N GLY A 331 14.64 -17.30 6.02
CA GLY A 331 15.86 -17.45 5.25
C GLY A 331 16.69 -16.18 5.17
N LYS A 332 16.08 -15.04 5.44
CA LYS A 332 16.74 -13.73 5.41
C LYS A 332 16.89 -13.12 6.79
N TYR A 333 15.87 -13.20 7.63
CA TYR A 333 15.82 -12.42 8.86
C TYR A 333 15.77 -13.33 10.06
N GLU A 334 16.30 -12.84 11.18
CA GLU A 334 16.21 -13.51 12.46
C GLU A 334 15.07 -12.89 13.25
N ALA A 335 14.16 -13.72 13.75
CA ALA A 335 13.02 -13.28 14.54
C ALA A 335 12.28 -12.16 13.81
N PRO A 336 11.86 -12.42 12.57
CA PRO A 336 11.23 -11.36 11.78
C PRO A 336 9.93 -10.81 12.36
N SER A 337 9.25 -11.58 13.23
CA SER A 337 7.99 -11.11 13.82
C SER A 337 8.23 -10.01 14.84
N GLN A 338 9.48 -9.79 15.25
CA GLN A 338 9.81 -8.73 16.19
C GLN A 338 10.30 -7.50 15.42
N TYR A 339 9.84 -6.34 15.88
CA TYR A 339 10.36 -5.07 15.39
C TYR A 339 11.74 -4.84 15.99
N ASP A 340 12.72 -4.47 15.16
CA ASP A 340 14.09 -4.26 15.65
C ASP A 340 14.72 -3.15 14.82
N LEU A 341 14.78 -1.95 15.40
CA LEU A 341 15.43 -0.81 14.76
C LEU A 341 16.85 -1.13 14.34
N HIS A 342 17.55 -1.97 15.10
CA HIS A 342 18.95 -2.26 14.86
C HIS A 342 19.16 -3.54 14.03
N ARG A 343 18.11 -4.04 13.42
CA ARG A 343 18.24 -5.11 12.46
C ARG A 343 19.26 -4.71 11.38
N PRO A 344 20.13 -5.62 10.95
CA PRO A 344 21.07 -5.28 9.86
C PRO A 344 20.30 -4.85 8.62
N PRO A 345 20.58 -3.66 8.08
CA PRO A 345 19.86 -3.21 6.87
C PRO A 345 20.05 -4.20 5.73
N LEU A 346 18.95 -4.81 5.31
CA LEU A 346 18.91 -5.73 4.18
C LEU A 346 17.87 -5.25 3.18
N PRO A 347 17.91 -5.75 1.96
CA PRO A 347 16.82 -5.45 1.01
C PRO A 347 15.49 -5.95 1.57
N HIS A 348 14.44 -5.23 1.24
CA HIS A 348 13.10 -5.72 1.55
C HIS A 348 12.25 -5.55 0.29
N LEU A 349 11.06 -6.15 0.33
CA LEU A 349 10.13 -6.19 -0.77
C LEU A 349 8.85 -5.39 -0.52
N ALA A 350 8.85 -4.47 0.44
CA ALA A 350 7.67 -3.69 0.71
C ALA A 350 7.31 -2.73 -0.40
N PHE A 351 8.24 -2.41 -1.31
CA PHE A 351 7.96 -1.61 -2.49
C PHE A 351 7.94 -2.46 -3.77
N GLY A 352 7.92 -3.78 -3.61
CA GLY A 352 7.89 -4.68 -4.75
C GLY A 352 9.23 -4.73 -5.46
N ALA A 353 9.18 -5.10 -6.74
CA ALA A 353 10.39 -5.38 -7.51
C ALA A 353 10.05 -5.46 -8.99
N GLY A 354 11.05 -5.27 -9.82
CA GLY A 354 10.85 -5.39 -11.25
C GLY A 354 10.27 -4.15 -11.90
N ASN A 355 9.77 -4.34 -13.12
CA ASN A 355 9.27 -3.24 -13.93
C ASN A 355 8.09 -2.51 -13.29
N HIS A 356 7.37 -3.19 -12.41
CA HIS A 356 6.20 -2.62 -11.79
C HIS A 356 6.45 -2.25 -10.33
N ALA A 357 7.71 -2.20 -9.92
CA ALA A 357 8.04 -1.73 -8.57
C ALA A 357 7.49 -0.33 -8.31
N CYS A 358 7.22 -0.05 -7.04
CA CYS A 358 6.63 1.22 -6.63
C CYS A 358 7.30 2.42 -7.31
N ALA A 359 6.47 3.28 -7.88
CA ALA A 359 6.95 4.49 -8.54
C ALA A 359 7.15 5.66 -7.59
N GLY A 360 6.59 5.59 -6.39
CA GLY A 360 6.58 6.70 -5.47
C GLY A 360 7.39 6.52 -4.21
N ILE A 361 8.41 5.63 -4.25
CA ILE A 361 9.18 5.30 -3.05
C ILE A 361 9.75 6.55 -2.40
N TYR A 362 10.46 7.37 -3.18
CA TYR A 362 11.15 8.53 -2.62
C TYR A 362 10.17 9.50 -1.95
N PHE A 363 9.07 9.79 -2.61
CA PHE A 363 8.02 10.63 -2.05
C PHE A 363 7.45 10.03 -0.79
N ALA A 364 7.09 8.75 -0.83
CA ALA A 364 6.46 8.08 0.31
C ALA A 364 7.38 8.10 1.53
N ASN A 365 8.66 7.80 1.34
CA ASN A 365 9.60 7.79 2.46
C ASN A 365 9.72 9.16 3.09
N HIS A 366 9.69 10.23 2.27
CA HIS A 366 9.76 11.58 2.81
C HIS A 366 8.50 11.95 3.58
N VAL A 367 7.33 11.61 3.04
CA VAL A 367 6.09 11.88 3.77
C VAL A 367 6.13 11.23 5.15
N MET A 368 6.53 9.95 5.20
CA MET A 368 6.57 9.25 6.49
C MET A 368 7.60 9.88 7.42
N ARG A 369 8.78 10.21 6.87
CA ARG A 369 9.85 10.79 7.69
C ARG A 369 9.44 12.12 8.28
N ILE A 370 8.94 13.03 7.46
CA ILE A 370 8.60 14.37 7.94
C ILE A 370 7.48 14.27 8.98
N ALA A 371 6.50 13.41 8.73
CA ALA A 371 5.40 13.25 9.68
C ALA A 371 5.90 12.77 11.04
N LEU A 372 6.77 11.76 11.05
CA LEU A 372 7.29 11.30 12.32
C LEU A 372 8.19 12.34 12.98
N GLU A 373 8.97 13.07 12.17
CA GLU A 373 9.79 14.16 12.73
C GLU A 373 8.93 15.15 13.50
N GLU A 374 7.86 15.64 12.87
CA GLU A 374 7.02 16.67 13.50
C GLU A 374 6.28 16.10 14.69
N LEU A 375 5.84 14.85 14.62
CA LEU A 375 5.16 14.23 15.75
C LEU A 375 6.07 14.16 16.96
N PHE A 376 7.28 13.61 16.78
CA PHE A 376 8.19 13.43 17.91
C PHE A 376 8.67 14.78 18.46
N GLU A 377 8.70 15.82 17.62
CA GLU A 377 9.07 17.13 18.12
C GLU A 377 7.95 17.74 18.96
N ALA A 378 6.70 17.57 18.53
CA ALA A 378 5.57 18.13 19.25
C ALA A 378 5.23 17.34 20.49
N ILE A 379 5.46 16.03 20.48
CA ILE A 379 5.12 15.19 21.62
C ILE A 379 6.30 14.27 21.93
N PRO A 380 7.37 14.80 22.53
CA PRO A 380 8.54 13.94 22.80
C PRO A 380 8.28 12.85 23.81
N ASN A 381 7.34 13.06 24.74
CA ASN A 381 7.03 12.07 25.76
C ASN A 381 5.86 11.16 25.36
N LEU A 382 5.62 11.02 24.07
CA LEU A 382 4.58 10.13 23.56
C LEU A 382 4.74 8.72 24.12
N GLU A 383 3.63 8.14 24.58
CA GLU A 383 3.60 6.76 25.02
C GLU A 383 2.35 6.09 24.46
N ARG A 384 2.40 4.78 24.35
CA ARG A 384 1.22 4.04 23.91
C ARG A 384 0.26 3.87 25.07
N ASP A 385 -1.04 3.98 24.77
CA ASP A 385 -2.10 3.78 25.76
C ASP A 385 -2.27 2.29 25.92
N THR A 386 -1.56 1.72 26.90
CA THR A 386 -1.61 0.27 27.13
C THR A 386 -2.96 -0.19 27.67
N ARG A 387 -3.82 0.72 28.12
CA ARG A 387 -5.20 0.35 28.41
C ARG A 387 -5.91 -0.17 27.17
N GLU A 388 -5.42 0.21 25.99
CA GLU A 388 -5.95 -0.24 24.70
C GLU A 388 -4.95 -1.15 24.01
N GLY A 389 -5.47 -2.08 23.22
CA GLY A 389 -4.65 -2.93 22.39
C GLY A 389 -4.65 -2.47 20.96
N VAL A 390 -3.60 -2.83 20.23
CA VAL A 390 -3.48 -2.49 18.81
C VAL A 390 -3.83 -3.73 17.99
N GLU A 391 -4.85 -3.63 17.15
CA GLU A 391 -5.21 -4.72 16.25
C GLU A 391 -4.83 -4.29 14.83
N PHE A 392 -4.30 -5.22 14.08
CA PHE A 392 -4.01 -5.03 12.67
C PHE A 392 -5.10 -5.72 11.86
N TRP A 393 -5.40 -5.18 10.69
CA TRP A 393 -6.37 -5.82 9.84
C TRP A 393 -5.89 -5.71 8.40
N GLY A 394 -6.15 -6.75 7.64
CA GLY A 394 -5.93 -6.70 6.21
C GLY A 394 -5.05 -7.80 5.70
N TRP A 395 -5.45 -8.43 4.59
CA TRP A 395 -4.62 -9.36 3.86
C TRP A 395 -4.00 -8.70 2.65
N GLY A 396 -4.78 -7.95 1.87
CA GLY A 396 -4.21 -7.29 0.71
C GLY A 396 -3.37 -6.08 1.09
N PHE A 397 -3.98 -5.18 1.85
CA PHE A 397 -3.35 -4.03 2.48
C PHE A 397 -3.50 -4.21 3.99
N ARG A 398 -2.41 -4.00 4.72
CA ARG A 398 -2.42 -4.31 6.16
C ARG A 398 -1.87 -3.15 6.97
N GLY A 399 -2.54 -2.83 8.06
CA GLY A 399 -2.06 -1.82 8.95
C GLY A 399 -2.88 -1.84 10.23
N PRO A 400 -2.50 -1.04 11.22
CA PRO A 400 -3.29 -0.98 12.46
C PRO A 400 -4.60 -0.24 12.26
N THR A 401 -5.65 -0.74 12.90
CA THR A 401 -6.94 -0.08 12.78
C THR A 401 -7.06 1.15 13.68
N SER A 402 -6.27 1.23 14.73
CA SER A 402 -6.22 2.39 15.60
C SER A 402 -4.91 2.34 16.36
N LEU A 403 -4.53 3.49 16.90
CA LEU A 403 -3.28 3.61 17.65
C LEU A 403 -3.50 4.64 18.75
N HIS A 404 -4.05 4.18 19.89
CA HIS A 404 -4.30 5.06 21.02
C HIS A 404 -2.99 5.32 21.76
N VAL A 405 -2.72 6.59 22.03
CA VAL A 405 -1.53 7.02 22.75
C VAL A 405 -1.93 8.03 23.82
N THR A 406 -0.99 8.28 24.73
CA THR A 406 -1.15 9.26 25.79
C THR A 406 0.19 9.93 26.05
N TRP A 407 0.13 11.07 26.73
CA TRP A 407 1.35 11.77 27.12
C TRP A 407 1.03 12.77 28.22
N GLU A 408 2.04 13.06 29.04
CA GLU A 408 1.89 14.03 30.12
C GLU A 408 1.87 15.45 29.56
N VAL A 409 0.81 16.18 29.84
CA VAL A 409 0.69 17.56 29.34
C VAL A 409 1.28 18.54 30.34
CAI V55 B . -1.12 -1.82 -5.56
CAG V55 B . -0.74 -0.49 -5.42
CAK V55 B . -1.71 0.53 -5.39
CAJ V55 B . -3.06 0.16 -5.43
CAF V55 B . -3.48 -1.17 -5.57
OAB V55 B . -0.25 -4.02 -5.74
CAE V55 B . -2.48 -2.15 -5.67
CAD V55 B . -0.01 -2.86 -5.66
CAA V55 B . 0.02 2.29 -5.34
OAH V55 B . -1.38 1.92 -5.14
OAC V55 B . -3.94 1.21 -5.32
HAG V55 B . 0.16 -0.26 -5.34
HAD V55 B . 0.88 -2.57 -5.65
HAE V55 B . -2.73 -3.03 -5.79
HAF V55 B . -4.38 -1.38 -5.59
HAC V55 B . -4.68 1.00 -5.67
HAA1 V55 B . 0.47 2.34 -4.48
HAA2 V55 B . 0.07 3.16 -5.78
HAA3 V55 B . 0.46 1.63 -5.90
CHA HEM C . 3.10 0.22 -6.77
CHB HEM C . 4.19 -0.08 -2.12
CHC HEM C . 3.28 4.60 -1.60
CHD HEM C . 2.79 5.03 -6.37
C1A HEM C . 3.44 -0.31 -5.56
C2A HEM C . 3.64 -1.70 -5.23
C3A HEM C . 3.95 -1.79 -3.93
C4A HEM C . 3.98 -0.44 -3.42
CMA HEM C . 4.26 -3.07 -3.18
CAA HEM C . 3.51 -2.88 -6.23
CBA HEM C . 4.93 -3.27 -6.65
CGA HEM C . 4.93 -4.64 -7.32
O1A HEM C . 3.85 -5.08 -7.75
O2A HEM C . 6.05 -5.26 -7.44
C1B HEM C . 3.98 1.15 -1.54
C2B HEM C . 4.19 1.48 -0.15
C3B HEM C . 3.97 2.79 -0.01
C4B HEM C . 3.62 3.31 -1.31
CMB HEM C . 4.62 0.44 0.89
CAB HEM C . 4.05 3.67 1.25
CBB HEM C . 4.83 3.35 2.29
C1C HEM C . 3.06 5.16 -2.84
C2C HEM C . 2.79 6.55 -3.13
C3C HEM C . 2.68 6.69 -4.47
C4C HEM C . 2.85 5.35 -5.03
CMC HEM C . 2.68 7.66 -2.07
CAC HEM C . 2.40 7.92 -5.36
CBC HEM C . 2.65 9.17 -4.96
C1D HEM C . 2.80 3.76 -6.91
C2D HEM C . 2.54 3.39 -8.32
C3D HEM C . 2.62 2.07 -8.41
C4D HEM C . 2.92 1.55 -7.11
CMD HEM C . 2.22 4.40 -9.43
CAD HEM C . 2.41 1.21 -9.67
CBD HEM C . 3.76 0.95 -10.36
CGD HEM C . 3.56 0.13 -11.63
O1D HEM C . 2.69 -0.79 -11.65
O2D HEM C . 4.31 0.34 -12.61
NA HEM C . 3.66 0.45 -4.45
NB HEM C . 3.61 2.27 -2.19
NC HEM C . 3.15 4.43 -4.03
ND HEM C . 3.01 2.60 -6.21
FE HEM C . 3.70 2.47 -4.27
HHB HEM C . 4.52 -0.78 -1.52
HHC HEM C . 3.18 5.21 -0.83
HHD HEM C . 2.75 5.79 -7.00
HMA HEM C . 3.49 -3.68 -3.21
HMAA HEM C . 4.46 -2.85 -2.24
HMAB HEM C . 5.04 -3.51 -3.57
HAA HEM C . 2.99 -2.59 -7.01
HAAA HEM C . 3.06 -3.62 -5.80
HBA HEM C . 5.50 -3.31 -5.87
HBAA HEM C . 5.27 -2.62 -7.27
HMB HEM C . 3.94 -0.27 0.94
HMBA HEM C . 4.70 0.86 1.76
HMBB HEM C . 5.47 0.05 0.62
HAB HEM C . 3.54 4.48 1.29
HBB HEM C . 4.86 3.93 3.07
HBBA HEM C . 5.36 2.54 2.27
HMC HEM C . 1.96 7.45 -1.45
HMCA HEM C . 2.49 8.50 -2.50
HMCB HEM C . 3.51 7.72 -1.57
HAC HEM C . 2.03 7.78 -6.23
HBC HEM C . 2.46 9.91 -5.55
HBCA HEM C . 3.03 9.33 -4.07
HMD HEM C . 2.08 3.92 -10.27
HMDA HEM C . 2.95 5.03 -9.52
HMDB HEM C . 1.40 4.89 -9.20
HAD HEM C . 1.82 1.68 -10.28
HADA HEM C . 2.02 0.36 -9.41
HBD HEM C . 4.34 0.46 -9.76
HBDA HEM C . 4.16 1.80 -10.60
HHA HEM C . 2.96 -0.42 -7.49
#